data_1LQB
#
_entry.id   1LQB
#
_cell.length_a   58.940
_cell.length_b   58.940
_cell.length_c   243.380
_cell.angle_alpha   90.00
_cell.angle_beta   90.00
_cell.angle_gamma   90.00
#
_symmetry.space_group_name_H-M   'P 43 21 2'
#
loop_
_entity.id
_entity.type
_entity.pdbx_description
1 polymer 'Elongin B'
2 polymer 'Elongin C'
3 polymer 'von hippel-lindau disease tumor supressor'
4 polymer 'Hypoxia-inducible factor 1 ALPHA'
5 non-polymer 'SULFATE ION'
6 water water
#
loop_
_entity_poly.entity_id
_entity_poly.type
_entity_poly.pdbx_seq_one_letter_code
_entity_poly.pdbx_strand_id
1 'polypeptide(L)'
;MDVFLMIRRHKTTIFTDAKESSTVFELKRIVEGILKRPPDEQRLYKDDQLLDDGKTLGECGFTSQTARPQAPATVGLAFR
ADDTFEALCIEPFSSPPELPDVMKPQDSGSSANEQAVQ
;
A
2 'polypeptide(L)'
;MYVKLISSDGHEFIVKREHALTSGTIKAMLSGPGQFAENETNEVNFREIPSHVLSKVCMYFTYKVRYTNSSTEIPEFPIA
PEIALELLMAANFLDC
;
B
3 'polypeptide(L)'
;GSMEAGRPRPVLRSVNSREPSQVIFCNRSPRVVLPVWLNFDGEPQPYPTLPPGTGRRIHSYRGHLWLFRDAGTHDGLLVN
QTELFVPSLNVDGQPIFANITLPVYTLKERCLQVVRSLVKPENYRRLDIVRSLYEDLEDHPNVQKDLERLTQERIAHQRM
GD
;
C
4 'polypeptide(L)' PFSTQDTDLDLEMLA(HYP)YIPMDDDFQLRSFDQLSP D
#
# COMPACT_ATOMS: atom_id res chain seq x y z
N MET A 1 -13.76 -11.59 2.18
CA MET A 1 -13.55 -11.05 3.55
C MET A 1 -14.24 -9.70 3.71
N ASP A 2 -13.48 -8.67 4.05
CA ASP A 2 -14.01 -7.33 4.23
C ASP A 2 -13.99 -6.56 2.93
N VAL A 3 -14.96 -5.68 2.79
CA VAL A 3 -15.07 -4.85 1.61
C VAL A 3 -14.80 -3.42 2.07
N PHE A 4 -14.04 -2.68 1.28
CA PHE A 4 -13.72 -1.32 1.64
C PHE A 4 -14.49 -0.38 0.74
N LEU A 5 -15.20 0.55 1.37
CA LEU A 5 -16.10 1.45 0.66
C LEU A 5 -15.95 2.94 0.92
N MET A 6 -16.56 3.71 0.02
CA MET A 6 -16.63 5.17 0.11
C MET A 6 -18.12 5.47 -0.05
N ILE A 7 -18.76 5.87 1.04
CA ILE A 7 -20.18 6.18 1.00
C ILE A 7 -20.23 7.68 0.74
N ARG A 8 -20.83 8.05 -0.39
CA ARG A 8 -20.85 9.46 -0.79
C ARG A 8 -22.21 10.10 -1.08
N ARG A 9 -22.37 11.32 -0.57
CA ARG A 9 -23.55 12.13 -0.79
C ARG A 9 -23.08 13.57 -0.83
N HIS A 10 -23.42 14.29 -1.88
CA HIS A 10 -23.03 15.69 -2.04
C HIS A 10 -21.51 15.87 -1.92
N LYS A 11 -21.09 16.63 -0.92
CA LYS A 11 -19.66 16.86 -0.68
C LYS A 11 -19.17 16.11 0.56
N THR A 12 -19.86 15.02 0.88
CA THR A 12 -19.49 14.21 2.03
C THR A 12 -19.10 12.82 1.56
N THR A 13 -17.99 12.30 2.08
CA THR A 13 -17.50 10.98 1.72
C THR A 13 -17.09 10.25 2.98
N ILE A 14 -17.76 9.15 3.27
CA ILE A 14 -17.44 8.34 4.44
C ILE A 14 -16.59 7.16 4.01
N PHE A 15 -15.42 7.01 4.63
CA PHE A 15 -14.56 5.87 4.35
C PHE A 15 -14.84 4.84 5.42
N THR A 16 -15.22 3.65 5.01
CA THR A 16 -15.51 2.59 5.96
C THR A 16 -15.44 1.24 5.29
N ASP A 17 -15.52 0.20 6.11
CA ASP A 17 -15.45 -1.15 5.60
C ASP A 17 -16.47 -1.99 6.34
N ALA A 18 -16.83 -3.12 5.76
CA ALA A 18 -17.80 -4.02 6.36
C ALA A 18 -17.57 -5.42 5.82
N LYS A 19 -18.17 -6.41 6.48
CA LYS A 19 -18.01 -7.78 6.02
C LYS A 19 -18.82 -7.96 4.75
N GLU A 20 -18.25 -8.66 3.79
CA GLU A 20 -18.93 -8.90 2.52
C GLU A 20 -20.27 -9.59 2.81
N SER A 21 -20.33 -10.27 3.94
CA SER A 21 -21.54 -10.98 4.35
C SER A 21 -22.55 -10.11 5.10
N SER A 22 -22.15 -8.91 5.50
CA SER A 22 -23.08 -8.04 6.22
C SER A 22 -24.10 -7.46 5.23
N THR A 23 -25.22 -6.98 5.75
CA THR A 23 -26.27 -6.46 4.87
C THR A 23 -26.27 -4.96 4.59
N VAL A 24 -27.05 -4.59 3.59
CA VAL A 24 -27.22 -3.19 3.20
C VAL A 24 -27.80 -2.50 4.42
N PHE A 25 -28.70 -3.21 5.11
CA PHE A 25 -29.33 -2.64 6.31
C PHE A 25 -28.28 -2.33 7.37
N GLU A 26 -27.37 -3.26 7.62
CA GLU A 26 -26.33 -3.02 8.62
C GLU A 26 -25.44 -1.87 8.18
N LEU A 27 -25.25 -1.72 6.88
CA LEU A 27 -24.45 -0.62 6.37
C LEU A 27 -25.16 0.69 6.67
N LYS A 28 -26.48 0.69 6.52
CA LYS A 28 -27.27 1.88 6.80
C LYS A 28 -27.12 2.23 8.28
N ARG A 29 -26.99 1.20 9.12
CA ARG A 29 -26.79 1.43 10.54
C ARG A 29 -25.50 2.20 10.74
N ILE A 30 -24.44 1.78 10.04
CA ILE A 30 -23.15 2.45 10.16
C ILE A 30 -23.29 3.93 9.79
N VAL A 31 -24.06 4.19 8.74
CA VAL A 31 -24.29 5.55 8.25
C VAL A 31 -25.06 6.37 9.29
N GLU A 32 -26.03 5.73 9.92
CA GLU A 32 -26.84 6.40 10.93
C GLU A 32 -26.01 6.86 12.11
N GLY A 33 -25.06 6.04 12.53
CA GLY A 33 -24.21 6.41 13.64
C GLY A 33 -23.37 7.63 13.32
N ILE A 34 -23.13 7.87 12.04
CA ILE A 34 -22.31 9.00 11.62
C ILE A 34 -23.10 10.25 11.21
N LEU A 35 -24.10 10.08 10.36
CA LEU A 35 -24.88 11.21 9.88
C LEU A 35 -26.23 11.41 10.56
N LYS A 36 -26.50 10.60 11.58
CA LYS A 36 -27.74 10.70 12.35
C LYS A 36 -29.03 10.63 11.55
N ARG A 37 -29.15 9.64 10.67
CA ARG A 37 -30.36 9.45 9.88
C ARG A 37 -30.71 7.98 9.94
N PRO A 38 -31.98 7.67 10.21
CA PRO A 38 -32.46 6.29 10.31
C PRO A 38 -32.33 5.55 8.98
N PRO A 39 -32.27 4.22 9.02
CA PRO A 39 -32.16 3.42 7.80
C PRO A 39 -33.33 3.64 6.85
N ASP A 40 -34.52 3.86 7.40
CA ASP A 40 -35.70 4.06 6.57
C ASP A 40 -35.79 5.46 5.98
N GLU A 41 -34.74 6.24 6.16
CA GLU A 41 -34.65 7.60 5.61
C GLU A 41 -33.42 7.66 4.70
N GLN A 42 -32.81 6.51 4.46
CA GLN A 42 -31.63 6.42 3.63
C GLN A 42 -31.82 5.61 2.36
N ARG A 43 -31.10 6.03 1.32
CA ARG A 43 -31.10 5.35 0.03
C ARG A 43 -29.64 5.12 -0.35
N LEU A 44 -29.25 3.85 -0.47
CA LEU A 44 -27.87 3.52 -0.84
C LEU A 44 -27.86 2.94 -2.24
N TYR A 45 -26.84 3.32 -3.02
CA TYR A 45 -26.75 2.87 -4.40
C TYR A 45 -25.39 2.34 -4.83
N LYS A 46 -25.42 1.42 -5.79
CA LYS A 46 -24.21 0.92 -6.42
C LYS A 46 -24.52 1.48 -7.81
N ASP A 47 -23.85 2.57 -8.18
CA ASP A 47 -24.10 3.24 -9.44
C ASP A 47 -25.51 3.81 -9.37
N ASP A 48 -26.40 3.38 -10.27
CA ASP A 48 -27.78 3.89 -10.27
C ASP A 48 -28.78 2.88 -9.70
N GLN A 49 -28.27 1.73 -9.29
CA GLN A 49 -29.09 0.66 -8.74
C GLN A 49 -29.35 0.83 -7.24
N LEU A 50 -30.62 0.99 -6.85
CA LEU A 50 -30.96 1.13 -5.44
C LEU A 50 -30.71 -0.23 -4.78
N LEU A 51 -30.07 -0.21 -3.62
CA LEU A 51 -29.73 -1.44 -2.92
C LEU A 51 -30.80 -1.80 -1.89
N ASP A 52 -31.34 -3.00 -2.01
CA ASP A 52 -32.37 -3.48 -1.11
C ASP A 52 -31.80 -3.79 0.27
N ASP A 53 -32.48 -3.30 1.30
CA ASP A 53 -32.10 -3.51 2.69
C ASP A 53 -31.63 -4.92 3.03
N GLY A 54 -32.36 -5.91 2.52
CA GLY A 54 -32.07 -7.30 2.83
C GLY A 54 -30.88 -8.00 2.20
N LYS A 55 -30.34 -7.46 1.11
CA LYS A 55 -29.20 -8.08 0.44
C LYS A 55 -27.87 -7.83 1.15
N THR A 56 -26.96 -8.80 1.03
CA THR A 56 -25.64 -8.66 1.62
C THR A 56 -24.85 -7.80 0.65
N LEU A 57 -23.74 -7.23 1.10
CA LEU A 57 -22.94 -6.39 0.23
C LEU A 57 -22.34 -7.23 -0.91
N GLY A 58 -22.11 -8.50 -0.64
CA GLY A 58 -21.56 -9.38 -1.66
C GLY A 58 -22.57 -9.60 -2.76
N GLU A 59 -23.83 -9.79 -2.40
CA GLU A 59 -24.90 -10.00 -3.37
C GLU A 59 -25.15 -8.74 -4.18
N CYS A 60 -24.73 -7.58 -3.66
CA CYS A 60 -24.91 -6.33 -4.37
C CYS A 60 -23.77 -6.11 -5.35
N GLY A 61 -22.74 -6.95 -5.26
CA GLY A 61 -21.61 -6.84 -6.16
C GLY A 61 -20.37 -6.25 -5.51
N PHE A 62 -20.42 -6.09 -4.20
CA PHE A 62 -19.27 -5.56 -3.47
C PHE A 62 -18.44 -6.71 -2.92
N THR A 63 -17.38 -7.05 -3.64
CA THR A 63 -16.51 -8.15 -3.22
C THR A 63 -15.13 -7.64 -2.83
N SER A 64 -14.45 -8.40 -1.99
CA SER A 64 -13.11 -8.05 -1.52
C SER A 64 -12.22 -7.63 -2.69
N GLN A 65 -12.37 -8.30 -3.82
CA GLN A 65 -11.58 -8.00 -5.00
C GLN A 65 -12.03 -6.73 -5.74
N THR A 66 -13.29 -6.32 -5.56
CA THR A 66 -13.77 -5.11 -6.24
C THR A 66 -13.76 -3.89 -5.33
N ALA A 67 -13.65 -4.11 -4.03
CA ALA A 67 -13.63 -3.01 -3.06
C ALA A 67 -12.44 -3.21 -2.14
N ARG A 68 -11.27 -2.76 -2.57
CA ARG A 68 -10.05 -2.92 -1.81
C ARG A 68 -9.66 -1.64 -1.09
N PRO A 69 -8.82 -1.75 -0.05
CA PRO A 69 -8.36 -0.60 0.74
C PRO A 69 -7.82 0.54 -0.11
N GLN A 70 -6.93 0.23 -1.05
CA GLN A 70 -6.34 1.23 -1.93
C GLN A 70 -7.25 1.77 -3.04
N ALA A 71 -8.36 1.08 -3.31
CA ALA A 71 -9.31 1.49 -4.34
C ALA A 71 -10.70 1.05 -3.89
N PRO A 72 -11.25 1.73 -2.89
CA PRO A 72 -12.58 1.41 -2.35
C PRO A 72 -13.74 1.58 -3.33
N ALA A 73 -14.78 0.78 -3.14
CA ALA A 73 -15.96 0.87 -4.01
C ALA A 73 -16.81 2.05 -3.56
N THR A 74 -17.43 2.75 -4.52
CA THR A 74 -18.27 3.88 -4.19
C THR A 74 -19.72 3.44 -3.96
N VAL A 75 -20.28 3.85 -2.82
CA VAL A 75 -21.67 3.55 -2.47
C VAL A 75 -22.40 4.89 -2.46
N GLY A 76 -23.37 5.06 -3.35
CA GLY A 76 -24.11 6.31 -3.40
C GLY A 76 -25.11 6.45 -2.26
N LEU A 77 -25.27 7.65 -1.74
CA LEU A 77 -26.21 7.87 -0.63
C LEU A 77 -27.11 9.07 -0.83
N ALA A 78 -28.40 8.89 -0.58
CA ALA A 78 -29.38 9.97 -0.69
C ALA A 78 -30.30 9.86 0.52
N PHE A 79 -30.83 10.99 0.97
CA PHE A 79 -31.74 11.00 2.11
C PHE A 79 -33.18 11.28 1.70
N ARG A 80 -34.10 10.72 2.48
CA ARG A 80 -35.53 10.86 2.27
C ARG A 80 -36.02 12.20 2.80
N ALA A 81 -37.01 12.76 2.11
CA ALA A 81 -37.61 14.03 2.51
C ALA A 81 -39.09 13.80 2.80
N ASP A 82 -39.67 14.68 3.61
CA ASP A 82 -41.07 14.58 3.99
C ASP A 82 -42.02 14.50 2.80
N ASP A 83 -41.84 15.39 1.83
CA ASP A 83 -42.72 15.40 0.66
C ASP A 83 -41.96 15.70 -0.62
N THR A 84 -40.65 15.54 -0.61
CA THR A 84 -39.83 15.79 -1.79
C THR A 84 -38.85 14.66 -2.07
N PHE A 85 -38.42 14.56 -3.33
CA PHE A 85 -37.47 13.54 -3.72
C PHE A 85 -36.11 14.15 -3.93
N GLU A 86 -35.11 13.63 -3.21
CA GLU A 86 -33.74 14.12 -3.33
C GLU A 86 -33.02 13.22 -4.31
N ALA A 87 -32.65 13.78 -5.45
CA ALA A 87 -31.95 13.00 -6.47
C ALA A 87 -30.54 12.64 -6.00
N LEU A 88 -30.14 11.40 -6.24
CA LEU A 88 -28.79 10.95 -5.89
C LEU A 88 -27.79 11.92 -6.51
N CYS A 89 -27.01 12.60 -5.69
CA CYS A 89 -26.04 13.55 -6.22
C CYS A 89 -24.69 13.50 -5.50
N ILE A 90 -23.68 12.99 -6.21
CA ILE A 90 -22.31 12.88 -5.68
C ILE A 90 -21.44 13.95 -6.32
N GLU A 91 -21.05 14.96 -5.56
CA GLU A 91 -20.21 16.00 -6.10
C GLU A 91 -18.83 15.47 -6.42
N PRO A 92 -18.33 15.74 -7.64
CA PRO A 92 -17.02 15.29 -8.12
C PRO A 92 -15.90 15.98 -7.35
N PHE A 93 -14.78 15.29 -7.19
CA PHE A 93 -13.63 15.86 -6.51
C PHE A 93 -13.00 16.86 -7.48
N SER A 94 -11.97 17.55 -7.03
CA SER A 94 -11.27 18.52 -7.87
C SER A 94 -10.41 17.77 -8.88
N SER A 95 -9.71 18.52 -9.72
CA SER A 95 -8.85 17.91 -10.73
C SER A 95 -7.46 18.48 -10.55
N PRO A 96 -6.43 17.68 -10.85
CA PRO A 96 -5.05 18.14 -10.71
C PRO A 96 -4.66 18.98 -11.92
N PRO A 97 -3.54 19.72 -11.84
CA PRO A 97 -3.10 20.54 -12.96
C PRO A 97 -2.41 19.67 -14.01
N GLU A 98 -1.90 20.29 -15.06
CA GLU A 98 -1.23 19.53 -16.10
C GLU A 98 0.02 18.86 -15.55
N LEU A 99 0.31 17.66 -16.03
CA LEU A 99 1.50 16.95 -15.60
C LEU A 99 2.67 17.79 -16.09
N PRO A 100 3.59 18.15 -15.20
CA PRO A 100 4.75 18.96 -15.61
C PRO A 100 5.53 18.28 -16.73
N ASP A 101 6.14 19.10 -17.59
CA ASP A 101 6.91 18.57 -18.72
C ASP A 101 7.97 17.55 -18.34
N VAL A 102 8.75 17.84 -17.29
CA VAL A 102 9.82 16.93 -16.89
C VAL A 102 9.30 15.59 -16.38
N MET A 103 7.98 15.44 -16.32
CA MET A 103 7.39 14.19 -15.86
C MET A 103 6.69 13.48 -17.01
N LYS A 104 6.75 14.08 -18.20
CA LYS A 104 6.12 13.50 -19.37
C LYS A 104 7.08 12.61 -20.18
N MET B 1 -14.03 7.70 17.65
CA MET B 1 -14.54 6.71 16.66
C MET B 1 -14.21 7.19 15.23
N TYR B 2 -14.79 8.31 14.81
CA TYR B 2 -14.53 8.86 13.48
C TYR B 2 -14.05 10.31 13.57
N VAL B 3 -13.28 10.74 12.56
CA VAL B 3 -12.80 12.12 12.52
C VAL B 3 -13.19 12.65 11.13
N LYS B 4 -13.46 13.95 11.05
CA LYS B 4 -13.83 14.56 9.78
C LYS B 4 -12.71 15.45 9.24
N LEU B 5 -12.25 15.17 8.03
CA LEU B 5 -11.19 15.95 7.40
C LEU B 5 -11.78 16.80 6.28
N ILE B 6 -11.47 18.09 6.29
CA ILE B 6 -12.00 19.02 5.28
C ILE B 6 -10.94 19.42 4.25
N SER B 7 -11.23 19.21 2.97
CA SER B 7 -10.29 19.56 1.91
C SER B 7 -10.44 21.02 1.50
N SER B 8 -9.54 21.47 0.63
CA SER B 8 -9.52 22.84 0.16
C SER B 8 -10.79 23.29 -0.54
N ASP B 9 -11.46 22.39 -1.27
CA ASP B 9 -12.69 22.77 -1.96
C ASP B 9 -13.96 22.50 -1.16
N GLY B 10 -13.82 22.10 0.09
CA GLY B 10 -15.01 21.85 0.89
C GLY B 10 -15.51 20.43 1.06
N HIS B 11 -14.88 19.45 0.42
CA HIS B 11 -15.35 18.09 0.60
C HIS B 11 -15.01 17.68 2.02
N GLU B 12 -15.84 16.82 2.60
CA GLU B 12 -15.60 16.34 3.95
C GLU B 12 -15.36 14.84 3.87
N PHE B 13 -14.24 14.41 4.45
CA PHE B 13 -13.91 12.99 4.43
C PHE B 13 -13.99 12.48 5.85
N ILE B 14 -14.88 11.52 6.05
CA ILE B 14 -15.08 10.95 7.37
C ILE B 14 -14.40 9.60 7.41
N VAL B 15 -13.44 9.48 8.31
CA VAL B 15 -12.64 8.28 8.46
C VAL B 15 -12.54 7.81 9.91
N LYS B 16 -12.37 6.50 10.10
CA LYS B 16 -12.22 5.97 11.44
C LYS B 16 -11.03 6.68 12.06
N ARG B 17 -11.18 7.04 13.33
CA ARG B 17 -10.12 7.72 14.06
C ARG B 17 -8.81 6.92 14.01
N GLU B 18 -8.90 5.61 14.25
CA GLU B 18 -7.71 4.76 14.22
C GLU B 18 -6.97 4.87 12.88
N HIS B 19 -7.71 4.83 11.78
CA HIS B 19 -7.09 4.93 10.47
C HIS B 19 -6.42 6.29 10.30
N ALA B 20 -7.04 7.33 10.82
CA ALA B 20 -6.48 8.67 10.69
C ALA B 20 -5.15 8.79 11.43
N LEU B 21 -5.00 8.03 12.52
CA LEU B 21 -3.75 8.09 13.28
C LEU B 21 -2.55 7.55 12.48
N THR B 22 -2.81 7.08 11.27
CA THR B 22 -1.73 6.60 10.40
C THR B 22 -0.89 7.85 10.13
N SER B 23 -1.54 9.00 10.20
CA SER B 23 -0.86 10.26 9.97
C SER B 23 -0.18 10.71 11.25
N GLY B 24 1.14 10.83 11.21
CA GLY B 24 1.86 11.28 12.39
C GLY B 24 1.37 12.66 12.79
N THR B 25 1.12 13.51 11.78
CA THR B 25 0.64 14.87 12.01
C THR B 25 -0.71 14.86 12.71
N ILE B 26 -1.62 14.02 12.24
CA ILE B 26 -2.93 13.94 12.85
C ILE B 26 -2.87 13.26 14.21
N LYS B 27 -2.02 12.24 14.32
CA LYS B 27 -1.88 11.51 15.57
C LYS B 27 -1.44 12.46 16.69
N ALA B 28 -0.46 13.31 16.40
CA ALA B 28 0.02 14.25 17.40
C ALA B 28 -1.05 15.29 17.74
N MET B 29 -1.88 15.65 16.76
CA MET B 29 -2.95 16.62 16.99
C MET B 29 -4.08 16.07 17.85
N LEU B 30 -4.32 14.76 17.77
CA LEU B 30 -5.42 14.15 18.52
C LEU B 30 -5.15 13.47 19.87
N SER B 31 -4.00 13.72 20.49
CA SER B 31 -3.73 13.15 21.82
C SER B 31 -3.98 14.26 22.85
N GLY B 32 -4.67 13.95 23.95
CA GLY B 32 -4.93 14.98 24.94
C GLY B 32 -5.46 14.56 26.30
N PRO B 33 -6.73 14.14 26.41
CA PRO B 33 -7.73 14.05 25.34
C PRO B 33 -8.27 15.41 24.92
N ASN B 42 -14.40 14.50 16.00
CA ASN B 42 -13.32 15.47 15.79
C ASN B 42 -13.34 15.97 14.34
N GLU B 43 -13.11 17.27 14.16
CA GLU B 43 -13.08 17.86 12.82
C GLU B 43 -11.73 18.56 12.62
N VAL B 44 -11.05 18.22 11.53
CA VAL B 44 -9.76 18.79 11.22
C VAL B 44 -9.76 19.51 9.89
N ASN B 45 -9.24 20.72 9.86
CA ASN B 45 -9.17 21.53 8.67
C ASN B 45 -7.86 21.35 7.90
N PHE B 46 -7.96 20.87 6.65
CA PHE B 46 -6.79 20.69 5.80
C PHE B 46 -7.09 21.39 4.50
N ARG B 47 -7.46 22.66 4.61
CA ARG B 47 -7.82 23.48 3.46
C ARG B 47 -6.73 23.76 2.44
N GLU B 48 -5.51 23.31 2.69
CA GLU B 48 -4.45 23.52 1.72
C GLU B 48 -4.31 22.25 0.86
N ILE B 49 -5.14 21.25 1.14
CA ILE B 49 -5.11 19.99 0.39
C ILE B 49 -6.41 19.80 -0.41
N PRO B 50 -6.30 19.67 -1.75
CA PRO B 50 -7.44 19.49 -2.65
C PRO B 50 -8.15 18.15 -2.43
N SER B 51 -9.44 18.09 -2.72
CA SER B 51 -10.20 16.87 -2.53
C SER B 51 -9.65 15.67 -3.33
N HIS B 52 -9.06 15.92 -4.50
CA HIS B 52 -8.54 14.81 -5.28
C HIS B 52 -7.28 14.22 -4.65
N VAL B 53 -6.66 14.98 -3.76
CA VAL B 53 -5.46 14.52 -3.08
C VAL B 53 -5.84 13.92 -1.74
N LEU B 54 -6.72 14.60 -1.02
CA LEU B 54 -7.15 14.14 0.29
C LEU B 54 -7.89 12.81 0.22
N SER B 55 -8.65 12.58 -0.84
CA SER B 55 -9.36 11.30 -0.98
C SER B 55 -8.35 10.17 -1.03
N LYS B 56 -7.28 10.37 -1.81
CA LYS B 56 -6.23 9.40 -1.97
C LYS B 56 -5.55 9.16 -0.62
N VAL B 57 -5.31 10.24 0.11
CA VAL B 57 -4.68 10.13 1.42
C VAL B 57 -5.47 9.18 2.32
N CYS B 58 -6.78 9.38 2.39
CA CYS B 58 -7.63 8.52 3.22
C CYS B 58 -7.56 7.07 2.77
N MET B 59 -7.44 6.85 1.48
CA MET B 59 -7.35 5.50 0.96
C MET B 59 -6.04 4.90 1.48
N TYR B 60 -5.02 5.75 1.62
CA TYR B 60 -3.75 5.27 2.12
C TYR B 60 -3.91 4.83 3.57
N PHE B 61 -4.70 5.57 4.36
CA PHE B 61 -4.90 5.20 5.76
C PHE B 61 -5.46 3.79 5.83
N THR B 62 -6.52 3.54 5.06
CA THR B 62 -7.17 2.24 5.04
C THR B 62 -6.15 1.17 4.65
N TYR B 63 -5.43 1.44 3.57
CA TYR B 63 -4.41 0.56 3.03
C TYR B 63 -3.37 0.19 4.09
N LYS B 64 -2.78 1.20 4.71
CA LYS B 64 -1.76 1.01 5.71
C LYS B 64 -2.28 0.16 6.87
N VAL B 65 -3.44 0.53 7.42
CA VAL B 65 -4.00 -0.22 8.54
C VAL B 65 -4.32 -1.66 8.15
N ARG B 66 -4.87 -1.85 6.96
CA ARG B 66 -5.21 -3.19 6.53
C ARG B 66 -4.01 -4.10 6.27
N TYR B 67 -2.95 -3.55 5.69
CA TYR B 67 -1.80 -4.35 5.33
C TYR B 67 -0.55 -4.38 6.21
N THR B 68 -0.49 -3.58 7.26
CA THR B 68 0.70 -3.63 8.12
C THR B 68 0.59 -4.89 8.97
N ASN B 69 1.72 -5.56 9.18
CA ASN B 69 1.74 -6.79 9.98
C ASN B 69 0.82 -7.80 9.32
N SER B 70 0.76 -7.78 7.98
CA SER B 70 -0.07 -8.69 7.23
C SER B 70 0.78 -9.66 6.44
N SER B 71 0.45 -10.95 6.56
CA SER B 71 1.20 -11.99 5.85
C SER B 71 0.75 -12.19 4.42
N THR B 72 -0.41 -11.64 4.06
CA THR B 72 -0.92 -11.78 2.71
C THR B 72 -0.16 -10.93 1.69
N GLU B 73 -0.29 -11.28 0.42
CA GLU B 73 0.35 -10.54 -0.66
C GLU B 73 -0.18 -9.11 -0.61
N ILE B 74 0.74 -8.15 -0.62
CA ILE B 74 0.35 -6.74 -0.56
C ILE B 74 0.20 -6.13 -1.95
N PRO B 75 -0.95 -5.48 -2.21
CA PRO B 75 -1.14 -4.87 -3.53
C PRO B 75 -0.40 -3.55 -3.58
N GLU B 76 -0.03 -3.11 -4.77
CA GLU B 76 0.67 -1.84 -4.90
C GLU B 76 -0.30 -0.70 -4.56
N PHE B 77 0.19 0.36 -3.94
CA PHE B 77 -0.68 1.49 -3.67
C PHE B 77 -0.58 2.34 -4.94
N PRO B 78 -1.66 2.39 -5.72
CA PRO B 78 -1.71 3.13 -6.97
C PRO B 78 -1.67 4.65 -6.86
N ILE B 79 -0.77 5.26 -7.64
CA ILE B 79 -0.66 6.72 -7.65
C ILE B 79 -0.52 7.20 -9.09
N ALA B 80 -1.57 7.86 -9.58
CA ALA B 80 -1.56 8.39 -10.93
C ALA B 80 -0.53 9.51 -11.04
N PRO B 81 0.23 9.53 -12.14
CA PRO B 81 1.26 10.56 -12.33
C PRO B 81 0.82 12.01 -12.10
N GLU B 82 -0.39 12.35 -12.56
CA GLU B 82 -0.90 13.73 -12.42
C GLU B 82 -1.09 14.20 -10.99
N ILE B 83 -1.15 13.28 -10.02
CA ILE B 83 -1.34 13.68 -8.63
C ILE B 83 -0.10 13.47 -7.75
N ALA B 84 0.91 12.80 -8.30
CA ALA B 84 2.14 12.49 -7.58
C ALA B 84 2.75 13.62 -6.74
N LEU B 85 3.03 14.76 -7.35
CA LEU B 85 3.62 15.87 -6.62
C LEU B 85 2.75 16.35 -5.45
N GLU B 86 1.49 16.64 -5.73
CA GLU B 86 0.58 17.11 -4.68
C GLU B 86 0.50 16.10 -3.55
N LEU B 87 0.31 14.83 -3.91
CA LEU B 87 0.23 13.78 -2.92
C LEU B 87 1.51 13.69 -2.10
N LEU B 88 2.64 13.90 -2.78
CA LEU B 88 3.92 13.87 -2.12
C LEU B 88 4.01 14.96 -1.06
N MET B 89 3.65 16.17 -1.42
CA MET B 89 3.70 17.26 -0.46
C MET B 89 2.71 17.00 0.67
N ALA B 90 1.56 16.41 0.34
CA ALA B 90 0.59 16.11 1.37
C ALA B 90 1.20 15.06 2.32
N ALA B 91 1.68 13.96 1.76
CA ALA B 91 2.28 12.89 2.58
C ALA B 91 3.39 13.45 3.46
N ASN B 92 4.19 14.33 2.90
CA ASN B 92 5.29 14.93 3.67
C ASN B 92 4.69 15.76 4.80
N PHE B 93 3.67 16.55 4.48
CA PHE B 93 2.98 17.40 5.44
C PHE B 93 2.24 16.60 6.54
N LEU B 94 1.61 15.50 6.16
CA LEU B 94 0.87 14.68 7.11
C LEU B 94 1.72 13.59 7.78
N ASP B 95 2.99 13.54 7.41
CA ASP B 95 3.94 12.55 7.94
C ASP B 95 3.40 11.12 7.95
N CYS B 96 3.16 10.56 6.77
CA CYS B 96 2.70 9.17 6.68
C CYS B 96 3.19 8.55 5.38
N PRO C 10 32.37 -9.75 8.73
CA PRO C 10 31.07 -9.05 8.55
C PRO C 10 29.94 -9.85 9.20
N VAL C 11 29.19 -9.21 10.09
CA VAL C 11 28.08 -9.90 10.77
C VAL C 11 27.07 -10.46 9.77
N LEU C 12 26.81 -9.73 8.69
CA LEU C 12 25.89 -10.19 7.65
C LEU C 12 26.65 -10.83 6.49
N ARG C 13 26.52 -12.15 6.38
CA ARG C 13 27.19 -12.91 5.33
C ARG C 13 26.70 -14.34 5.34
N SER C 14 26.84 -15.03 4.20
CA SER C 14 26.43 -16.42 4.11
C SER C 14 27.52 -17.28 4.76
N VAL C 15 27.16 -18.49 5.14
CA VAL C 15 28.11 -19.42 5.74
C VAL C 15 28.38 -20.47 4.68
N ASN C 16 29.65 -20.87 4.51
CA ASN C 16 29.96 -21.87 3.50
C ASN C 16 29.71 -23.25 4.11
N SER C 17 28.43 -23.59 4.22
CA SER C 17 27.98 -24.85 4.79
C SER C 17 28.15 -26.04 3.86
N ARG C 18 28.06 -25.78 2.56
CA ARG C 18 28.18 -26.83 1.55
C ARG C 18 27.03 -27.84 1.70
N GLU C 19 26.03 -27.46 2.47
CA GLU C 19 24.85 -28.29 2.70
C GLU C 19 23.69 -27.78 1.84
N PRO C 20 23.45 -28.43 0.69
CA PRO C 20 22.39 -28.03 -0.25
C PRO C 20 21.01 -27.84 0.38
N SER C 21 20.29 -26.83 -0.12
CA SER C 21 18.95 -26.53 0.34
C SER C 21 18.17 -26.06 -0.90
N GLN C 22 17.14 -26.82 -1.25
CA GLN C 22 16.34 -26.46 -2.42
C GLN C 22 15.32 -25.40 -2.01
N VAL C 23 15.42 -24.24 -2.66
CA VAL C 23 14.54 -23.12 -2.39
C VAL C 23 13.71 -22.74 -3.60
N ILE C 24 12.56 -22.13 -3.34
CA ILE C 24 11.70 -21.69 -4.41
C ILE C 24 11.33 -20.23 -4.20
N PHE C 25 11.84 -19.37 -5.07
CA PHE C 25 11.55 -17.96 -4.99
C PHE C 25 10.15 -17.74 -5.58
N CYS C 26 9.28 -17.05 -4.84
CA CYS C 26 7.94 -16.75 -5.33
C CYS C 26 7.73 -15.25 -5.33
N ASN C 27 7.73 -14.66 -6.52
CA ASN C 27 7.53 -13.23 -6.60
C ASN C 27 6.06 -12.88 -6.56
N ARG C 28 5.57 -12.67 -5.34
CA ARG C 28 4.18 -12.32 -5.11
C ARG C 28 4.08 -10.81 -4.95
N SER C 29 4.73 -10.10 -5.86
CA SER C 29 4.72 -8.64 -5.87
C SER C 29 4.51 -8.20 -7.31
N PRO C 30 4.17 -6.92 -7.52
CA PRO C 30 3.94 -6.41 -8.88
C PRO C 30 5.22 -5.89 -9.53
N ARG C 31 6.37 -6.13 -8.88
CA ARG C 31 7.63 -5.64 -9.41
C ARG C 31 8.48 -6.74 -10.02
N VAL C 32 9.49 -6.34 -10.78
CA VAL C 32 10.45 -7.28 -11.34
C VAL C 32 11.40 -7.39 -10.16
N VAL C 33 11.51 -8.59 -9.59
CA VAL C 33 12.36 -8.82 -8.41
C VAL C 33 13.79 -9.25 -8.68
N LEU C 34 14.72 -8.63 -7.96
CA LEU C 34 16.15 -8.95 -8.06
C LEU C 34 16.62 -9.62 -6.78
N PRO C 35 16.83 -10.94 -6.80
CA PRO C 35 17.31 -11.60 -5.59
C PRO C 35 18.80 -11.32 -5.41
N VAL C 36 19.16 -10.85 -4.22
CA VAL C 36 20.55 -10.53 -3.94
C VAL C 36 21.10 -11.52 -2.93
N TRP C 37 22.21 -12.15 -3.29
CA TRP C 37 22.89 -13.12 -2.42
C TRP C 37 24.11 -12.44 -1.81
N LEU C 38 24.24 -12.53 -0.50
CA LEU C 38 25.40 -11.97 0.18
C LEU C 38 26.40 -13.11 0.21
N ASN C 39 27.53 -12.96 -0.48
CA ASN C 39 28.50 -14.04 -0.48
C ASN C 39 29.18 -14.24 0.87
N PHE C 40 30.29 -14.97 0.87
CA PHE C 40 31.00 -15.27 2.11
C PHE C 40 31.73 -14.09 2.75
N ASP C 41 31.98 -13.06 1.95
CA ASP C 41 32.63 -11.86 2.47
C ASP C 41 31.56 -10.80 2.76
N GLY C 42 30.30 -11.21 2.69
CA GLY C 42 29.21 -10.29 2.95
C GLY C 42 28.99 -9.28 1.83
N GLU C 43 29.45 -9.62 0.63
CA GLU C 43 29.32 -8.76 -0.55
C GLU C 43 28.07 -9.12 -1.35
N PRO C 44 27.30 -8.12 -1.78
CA PRO C 44 26.07 -8.31 -2.54
C PRO C 44 26.30 -8.85 -3.96
N GLN C 45 25.69 -9.99 -4.27
CA GLN C 45 25.82 -10.57 -5.60
C GLN C 45 24.44 -10.76 -6.22
N PRO C 46 24.17 -10.14 -7.38
CA PRO C 46 22.87 -10.26 -8.02
C PRO C 46 22.65 -11.59 -8.73
N TYR C 47 21.38 -11.98 -8.84
CA TYR C 47 20.99 -13.22 -9.51
C TYR C 47 19.86 -12.91 -10.48
N PRO C 48 19.53 -13.86 -11.38
CA PRO C 48 18.46 -13.69 -12.37
C PRO C 48 17.17 -13.17 -11.73
N THR C 49 16.64 -12.11 -12.30
CA THR C 49 15.43 -11.46 -11.80
C THR C 49 14.16 -12.30 -12.01
N LEU C 50 13.13 -12.00 -11.22
CA LEU C 50 11.86 -12.70 -11.29
C LEU C 50 10.74 -11.78 -11.78
N PRO C 51 10.06 -12.16 -12.88
CA PRO C 51 8.97 -11.32 -13.37
C PRO C 51 7.82 -11.36 -12.38
N PRO C 52 6.99 -10.32 -12.37
CA PRO C 52 5.84 -10.26 -11.45
C PRO C 52 5.00 -11.53 -11.44
N GLY C 53 4.65 -11.99 -10.24
CA GLY C 53 3.81 -13.17 -10.13
C GLY C 53 4.35 -14.48 -10.65
N THR C 54 5.67 -14.63 -10.71
CA THR C 54 6.27 -15.86 -11.18
C THR C 54 7.08 -16.52 -10.07
N GLY C 55 7.33 -17.81 -10.21
CA GLY C 55 8.12 -18.54 -9.22
C GLY C 55 9.28 -19.22 -9.92
N ARG C 56 10.28 -19.66 -9.15
CA ARG C 56 11.45 -20.33 -9.71
C ARG C 56 12.20 -21.16 -8.68
N ARG C 57 12.61 -22.35 -9.09
CA ARG C 57 13.34 -23.27 -8.21
C ARG C 57 14.80 -22.82 -8.11
N ILE C 58 15.34 -22.91 -6.90
CA ILE C 58 16.72 -22.48 -6.66
C ILE C 58 17.50 -23.47 -5.82
N HIS C 59 18.76 -23.71 -6.19
CA HIS C 59 19.63 -24.60 -5.44
C HIS C 59 20.56 -23.70 -4.65
N SER C 60 20.24 -23.53 -3.38
CA SER C 60 21.04 -22.68 -2.50
C SER C 60 21.63 -23.61 -1.44
N TYR C 61 22.10 -23.05 -0.34
CA TYR C 61 22.68 -23.87 0.72
C TYR C 61 22.24 -23.37 2.09
N ARG C 62 22.23 -24.29 3.05
CA ARG C 62 21.84 -23.95 4.41
C ARG C 62 22.76 -22.83 4.91
N GLY C 63 22.18 -21.83 5.57
CA GLY C 63 23.00 -20.76 6.09
C GLY C 63 23.39 -19.63 5.16
N HIS C 64 22.87 -19.63 3.93
CA HIS C 64 23.18 -18.54 3.00
C HIS C 64 22.17 -17.42 3.23
N LEU C 65 22.57 -16.17 2.97
CA LEU C 65 21.67 -15.04 3.16
C LEU C 65 21.20 -14.46 1.83
N TRP C 66 19.90 -14.13 1.78
CA TRP C 66 19.33 -13.52 0.58
C TRP C 66 18.43 -12.35 0.95
N LEU C 67 18.38 -11.35 0.07
CA LEU C 67 17.51 -10.20 0.25
C LEU C 67 16.99 -9.90 -1.15
N PHE C 68 15.88 -9.17 -1.23
CA PHE C 68 15.28 -8.90 -2.52
C PHE C 68 14.89 -7.45 -2.72
N ARG C 69 15.11 -6.94 -3.93
CA ARG C 69 14.80 -5.55 -4.25
C ARG C 69 14.15 -5.47 -5.63
N ASP C 70 13.54 -4.32 -5.90
CA ASP C 70 12.93 -4.06 -7.20
C ASP C 70 14.16 -4.01 -8.11
N ALA C 71 14.17 -4.83 -9.15
CA ALA C 71 15.31 -4.88 -10.05
C ALA C 71 15.75 -3.53 -10.64
N GLY C 72 14.79 -2.72 -11.07
CA GLY C 72 15.14 -1.45 -11.68
C GLY C 72 15.31 -0.24 -10.77
N THR C 73 14.75 -0.29 -9.57
CA THR C 73 14.84 0.83 -8.65
C THR C 73 15.50 0.50 -7.31
N HIS C 74 15.63 -0.80 -7.02
CA HIS C 74 16.21 -1.27 -5.76
C HIS C 74 15.35 -0.89 -4.55
N ASP C 75 14.07 -0.57 -4.78
CA ASP C 75 13.18 -0.26 -3.66
C ASP C 75 13.22 -1.53 -2.80
N GLY C 76 13.13 -1.37 -1.49
CA GLY C 76 13.18 -2.53 -0.62
C GLY C 76 11.95 -3.41 -0.74
N LEU C 77 12.16 -4.72 -0.58
CA LEU C 77 11.09 -5.71 -0.63
C LEU C 77 11.27 -6.63 0.57
N LEU C 78 10.25 -7.42 0.87
CA LEU C 78 10.35 -8.33 1.98
C LEU C 78 10.30 -9.76 1.47
N VAL C 79 10.79 -10.68 2.27
CA VAL C 79 10.77 -12.10 1.93
C VAL C 79 10.23 -12.76 3.21
N ASN C 80 9.14 -13.49 3.07
CA ASN C 80 8.48 -14.11 4.22
C ASN C 80 8.32 -13.07 5.32
N GLN C 81 7.89 -11.88 4.91
CA GLN C 81 7.65 -10.74 5.79
C GLN C 81 8.86 -10.10 6.47
N THR C 82 10.08 -10.56 6.18
CA THR C 82 11.26 -9.96 6.80
C THR C 82 12.28 -9.46 5.78
N GLU C 83 13.37 -8.88 6.26
CA GLU C 83 14.41 -8.35 5.40
C GLU C 83 15.30 -9.40 4.76
N LEU C 84 15.64 -10.43 5.53
CA LEU C 84 16.53 -11.47 5.03
C LEU C 84 15.94 -12.86 5.05
N PHE C 85 16.36 -13.66 4.08
CA PHE C 85 15.91 -15.03 3.93
C PHE C 85 17.14 -15.97 4.06
N VAL C 86 17.02 -16.98 4.93
CA VAL C 86 18.10 -17.93 5.15
C VAL C 86 17.66 -19.38 4.94
N PRO C 87 18.14 -20.01 3.86
CA PRO C 87 17.75 -21.40 3.60
C PRO C 87 18.12 -22.34 4.75
N SER C 88 17.25 -23.30 5.01
CA SER C 88 17.49 -24.31 6.05
C SER C 88 17.48 -25.67 5.35
N LEU C 89 17.81 -26.73 6.08
CA LEU C 89 17.81 -28.06 5.48
C LEU C 89 16.39 -28.47 5.12
N ASN C 90 16.22 -29.04 3.94
CA ASN C 90 14.90 -29.48 3.48
C ASN C 90 14.37 -30.66 4.30
N VAL C 91 13.17 -30.51 4.83
CA VAL C 91 12.54 -31.55 5.65
C VAL C 91 11.65 -32.47 4.81
N ASP C 92 12.17 -33.65 4.48
CA ASP C 92 11.44 -34.63 3.68
C ASP C 92 11.21 -34.14 2.25
N GLY C 93 12.29 -33.79 1.56
CA GLY C 93 12.19 -33.32 0.20
C GLY C 93 11.29 -32.10 0.03
N GLN C 94 10.87 -31.53 1.15
CA GLN C 94 10.00 -30.35 1.15
C GLN C 94 10.80 -29.08 0.87
N PRO C 95 10.58 -28.45 -0.29
CA PRO C 95 11.28 -27.22 -0.69
C PRO C 95 11.01 -26.07 0.28
N ILE C 96 11.98 -25.17 0.41
CA ILE C 96 11.83 -24.00 1.28
C ILE C 96 11.30 -22.86 0.43
N PHE C 97 10.23 -22.22 0.88
CA PHE C 97 9.63 -21.11 0.16
C PHE C 97 10.10 -19.73 0.60
N ALA C 98 10.40 -18.89 -0.39
CA ALA C 98 10.80 -17.52 -0.12
C ALA C 98 9.74 -16.69 -0.84
N ASN C 99 8.74 -16.25 -0.09
CA ASN C 99 7.65 -15.47 -0.65
C ASN C 99 7.99 -13.98 -0.60
N ILE C 100 8.30 -13.44 -1.77
CA ILE C 100 8.66 -12.05 -1.92
C ILE C 100 7.41 -11.20 -2.11
N THR C 101 7.28 -10.16 -1.30
CA THR C 101 6.13 -9.27 -1.38
C THR C 101 6.58 -7.84 -1.15
N LEU C 102 5.67 -6.91 -1.43
CA LEU C 102 5.96 -5.50 -1.23
C LEU C 102 5.78 -5.24 0.26
N PRO C 103 6.53 -4.27 0.80
CA PRO C 103 6.34 -3.97 2.22
C PRO C 103 5.29 -2.86 2.15
N VAL C 104 4.78 -2.41 3.28
CA VAL C 104 3.82 -1.31 3.26
C VAL C 104 4.68 -0.05 3.32
N TYR C 105 5.00 0.52 2.17
CA TYR C 105 5.81 1.74 2.11
C TYR C 105 5.04 2.90 2.72
N THR C 106 5.75 3.90 3.22
CA THR C 106 5.06 5.07 3.75
C THR C 106 4.48 5.76 2.50
N LEU C 107 3.42 6.54 2.68
CA LEU C 107 2.83 7.22 1.54
C LEU C 107 3.88 8.08 0.85
N LYS C 108 4.74 8.69 1.66
CA LYS C 108 5.80 9.55 1.14
C LYS C 108 6.78 8.80 0.26
N GLU C 109 7.25 7.65 0.74
CA GLU C 109 8.21 6.86 -0.02
C GLU C 109 7.58 6.42 -1.33
N ARG C 110 6.31 6.01 -1.29
CA ARG C 110 5.60 5.58 -2.48
C ARG C 110 5.52 6.71 -3.51
N CYS C 111 5.23 7.92 -3.04
CA CYS C 111 5.16 9.07 -3.93
C CYS C 111 6.54 9.36 -4.53
N LEU C 112 7.58 9.21 -3.69
CA LEU C 112 8.95 9.44 -4.15
C LEU C 112 9.30 8.45 -5.26
N GLN C 113 8.85 7.20 -5.12
CA GLN C 113 9.13 6.19 -6.13
C GLN C 113 8.52 6.60 -7.47
N VAL C 114 7.24 6.93 -7.44
CA VAL C 114 6.53 7.32 -8.66
C VAL C 114 7.23 8.51 -9.34
N VAL C 115 7.56 9.54 -8.57
CA VAL C 115 8.23 10.70 -9.13
C VAL C 115 9.59 10.36 -9.76
N ARG C 116 10.39 9.56 -9.05
CA ARG C 116 11.70 9.16 -9.55
C ARG C 116 11.56 8.37 -10.86
N SER C 117 10.50 7.57 -10.97
CA SER C 117 10.29 6.75 -12.16
C SER C 117 9.84 7.56 -13.37
N LEU C 118 9.50 8.83 -13.16
CA LEU C 118 9.02 9.68 -14.25
C LEU C 118 9.97 10.82 -14.62
N VAL C 119 10.71 11.33 -13.64
CA VAL C 119 11.60 12.45 -13.90
C VAL C 119 13.08 12.06 -13.81
N LYS C 120 13.85 12.52 -14.78
CA LYS C 120 15.28 12.23 -14.80
C LYS C 120 15.93 13.00 -13.67
N PRO C 121 16.85 12.36 -12.93
CA PRO C 121 17.56 12.97 -11.81
C PRO C 121 17.99 14.43 -12.05
N GLU C 122 18.55 14.68 -13.23
CA GLU C 122 19.00 16.02 -13.59
C GLU C 122 17.85 17.03 -13.69
N ASN C 123 16.62 16.55 -13.49
CA ASN C 123 15.45 17.42 -13.59
C ASN C 123 14.71 17.57 -12.27
N TYR C 124 15.03 16.72 -11.29
CA TYR C 124 14.37 16.77 -10.00
C TYR C 124 14.14 18.20 -9.55
N ARG C 125 15.20 19.00 -9.60
CA ARG C 125 15.15 20.38 -9.15
C ARG C 125 14.35 21.36 -10.01
N ARG C 126 13.74 20.88 -11.07
CA ARG C 126 12.92 21.76 -11.90
C ARG C 126 11.47 21.60 -11.46
N LEU C 127 11.25 20.70 -10.48
CA LEU C 127 9.92 20.43 -9.95
C LEU C 127 9.51 21.50 -8.94
N ASP C 128 8.25 21.91 -8.98
CA ASP C 128 7.75 22.93 -8.07
C ASP C 128 7.28 22.31 -6.75
N ILE C 129 8.24 21.90 -5.92
CA ILE C 129 7.94 21.29 -4.62
C ILE C 129 8.87 21.86 -3.55
N VAL C 130 8.48 21.75 -2.28
CA VAL C 130 9.31 22.27 -1.18
C VAL C 130 10.73 21.72 -1.24
N ARG C 131 11.71 22.62 -1.15
CA ARG C 131 13.14 22.29 -1.21
C ARG C 131 13.54 20.92 -0.66
N SER C 132 13.27 20.72 0.64
CA SER C 132 13.63 19.48 1.32
C SER C 132 13.39 18.20 0.52
N LEU C 133 12.34 18.19 -0.28
CA LEU C 133 11.99 17.01 -1.08
C LEU C 133 12.95 16.70 -2.21
N TYR C 134 13.73 17.69 -2.65
CA TYR C 134 14.69 17.45 -3.72
C TYR C 134 15.71 16.43 -3.21
N GLU C 135 16.18 16.63 -1.98
CA GLU C 135 17.17 15.73 -1.39
C GLU C 135 16.58 14.34 -1.18
N ASP C 136 15.33 14.29 -0.74
CA ASP C 136 14.67 13.00 -0.51
C ASP C 136 14.58 12.22 -1.81
N LEU C 137 14.40 12.92 -2.91
CA LEU C 137 14.31 12.27 -4.21
C LEU C 137 15.68 11.74 -4.64
N GLU C 138 16.71 12.56 -4.44
CA GLU C 138 18.07 12.19 -4.81
C GLU C 138 18.61 11.03 -3.98
N ASP C 139 18.10 10.90 -2.75
CA ASP C 139 18.53 9.82 -1.87
C ASP C 139 17.76 8.53 -2.19
N HIS C 140 18.01 7.98 -3.37
CA HIS C 140 17.32 6.75 -3.79
C HIS C 140 17.80 5.51 -3.05
N PRO C 141 16.93 4.49 -2.93
CA PRO C 141 17.29 3.24 -2.23
C PRO C 141 18.63 2.70 -2.72
N ASN C 142 19.43 2.17 -1.81
CA ASN C 142 20.76 1.63 -2.11
C ASN C 142 21.01 0.38 -1.25
N VAL C 143 21.35 -0.72 -1.91
CA VAL C 143 21.58 -1.98 -1.20
C VAL C 143 22.72 -1.90 -0.18
N GLN C 144 23.80 -1.23 -0.54
CA GLN C 144 24.93 -1.09 0.37
C GLN C 144 24.50 -0.40 1.66
N LYS C 145 23.83 0.75 1.52
CA LYS C 145 23.37 1.48 2.68
C LYS C 145 22.43 0.63 3.53
N ASP C 146 21.59 -0.15 2.86
CA ASP C 146 20.66 -1.01 3.56
C ASP C 146 21.39 -2.01 4.44
N LEU C 147 22.47 -2.59 3.91
CA LEU C 147 23.26 -3.57 4.63
C LEU C 147 23.87 -2.94 5.87
N GLU C 148 24.38 -1.73 5.73
CA GLU C 148 24.97 -1.01 6.85
C GLU C 148 23.90 -0.78 7.90
N ARG C 149 22.69 -0.47 7.45
CA ARG C 149 21.56 -0.21 8.36
C ARG C 149 21.12 -1.50 9.05
N LEU C 150 21.02 -2.57 8.29
CA LEU C 150 20.62 -3.85 8.87
C LEU C 150 21.73 -4.33 9.81
N THR C 151 22.96 -3.95 9.52
CA THR C 151 24.09 -4.34 10.35
C THR C 151 23.98 -3.70 11.73
N GLN C 152 23.76 -2.39 11.76
CA GLN C 152 23.64 -1.69 13.03
C GLN C 152 22.36 -2.11 13.75
N GLU C 153 21.33 -2.47 13.00
CA GLU C 153 20.08 -2.91 13.60
C GLU C 153 20.34 -4.28 14.21
N ARG C 154 21.26 -5.00 13.58
CA ARG C 154 21.63 -6.33 14.03
C ARG C 154 22.39 -6.22 15.35
N ILE C 155 23.30 -5.25 15.42
CA ILE C 155 24.12 -5.04 16.60
C ILE C 155 23.27 -4.63 17.81
N ALA C 156 22.26 -3.80 17.58
CA ALA C 156 21.39 -3.35 18.65
C ALA C 156 20.64 -4.54 19.22
N HIS C 157 20.19 -5.42 18.33
CA HIS C 157 19.46 -6.63 18.72
C HIS C 157 20.47 -7.72 19.07
N GLN C 158 21.27 -7.47 20.10
CA GLN C 158 22.29 -8.43 20.51
C GLN C 158 23.04 -7.92 21.74
N ARG C 159 22.63 -6.75 22.23
CA ARG C 159 23.24 -6.09 23.40
C ARG C 159 24.38 -6.84 24.07
N GLU D 12 36.69 -25.42 -1.35
CA GLU D 12 35.75 -24.93 -2.39
C GLU D 12 34.47 -24.38 -1.77
N MET D 13 34.19 -23.11 -2.06
CA MET D 13 33.01 -22.48 -1.53
C MET D 13 31.89 -22.55 -2.55
N LEU D 14 30.86 -23.33 -2.22
CA LEU D 14 29.73 -23.54 -3.10
C LEU D 14 28.69 -22.40 -3.08
N ALA D 15 28.55 -21.71 -4.20
CA ALA D 15 27.61 -20.61 -4.32
C ALA D 15 26.28 -21.08 -4.91
N TYR D 17 23.06 -21.57 -7.30
CA TYR D 17 22.96 -21.66 -8.76
C TYR D 17 21.54 -22.06 -9.14
N ILE D 18 21.12 -21.70 -10.35
CA ILE D 18 19.77 -22.03 -10.81
C ILE D 18 19.73 -23.26 -11.70
N PRO D 19 18.97 -24.29 -11.28
CA PRO D 19 18.80 -25.56 -12.00
C PRO D 19 18.55 -25.35 -13.48
N MET D 20 17.95 -24.21 -13.81
CA MET D 20 17.62 -23.87 -15.18
C MET D 20 16.43 -24.70 -15.66
N ASP D 21 15.28 -24.45 -15.06
CA ASP D 21 14.05 -25.13 -15.40
C ASP D 21 13.04 -24.10 -15.86
N ASP D 22 11.83 -24.56 -16.17
CA ASP D 22 10.79 -23.66 -16.60
C ASP D 22 10.17 -22.93 -15.41
N ASP D 23 10.38 -21.61 -15.36
CA ASP D 23 9.79 -20.80 -14.31
C ASP D 23 8.30 -21.08 -14.37
N PHE D 24 7.58 -20.76 -13.31
CA PHE D 24 6.15 -21.00 -13.33
C PHE D 24 5.35 -19.81 -12.84
N GLN D 25 4.13 -19.68 -13.35
CA GLN D 25 3.25 -18.60 -12.95
C GLN D 25 2.65 -18.93 -11.60
N LEU D 26 2.44 -17.91 -10.78
CA LEU D 26 1.80 -18.10 -9.48
C LEU D 26 0.34 -17.83 -9.81
N ARG D 27 -0.53 -18.80 -9.55
CA ARG D 27 -1.94 -18.66 -9.88
C ARG D 27 -2.66 -17.45 -9.27
N SER D 28 -2.11 -16.91 -8.19
CA SER D 28 -2.72 -15.74 -7.56
C SER D 28 -2.85 -14.61 -8.59
N PHE D 29 -2.06 -14.72 -9.65
CA PHE D 29 -2.06 -13.72 -10.73
C PHE D 29 -2.78 -14.25 -11.97
#